data_6YJ9
#
_entry.id   6YJ9
#
_cell.length_a   41.490
_cell.length_b   69.920
_cell.length_c   105.780
_cell.angle_alpha   90.000
_cell.angle_beta   90.000
_cell.angle_gamma   90.000
#
_symmetry.space_group_name_H-M   'P 21 21 21'
#
loop_
_entity.id
_entity.type
_entity.pdbx_description
1 polymer 'CBS domain-containing protein YkuL'
2 non-polymer "2-amino-9-[(2R,3R,3aS,5R,7aR,9R,10R,10aS,12R,14aR)-9-(6-amino-9H-purin-9-yl)-3,5,10,12-tetrahydroxy-5,12-dioxidooctahydro-2H,7H-difuro[3,2-d:3',2'-j][1,3,7,9,2,8]tetraoxadiphosphacyclododecin-2-yl]-1,9-dihydro-6H-purin-6-one"
3 non-polymer 'CHLORIDE ION'
4 water water
#
_entity_poly.entity_id   1
_entity_poly.type   'polypeptide(L)'
_entity_poly.pdbx_seq_one_letter_code
;MISLQSDQLLEATVGQFMIEADKVAHVQVGNNLEHALLVLTKTGYTAIPVLDPSYRLHGLIGTNMIMNSIFGLERIEFEK
LDQITVEEVMLTDIPRLHINDPIMKGFGMVINNGFVCVENDEQVFEGIFTRRVVLKELNKHIRSLNK
;
_entity_poly.pdbx_strand_id   A,B
#
# COMPACT_ATOMS: atom_id res chain seq x y z
N SER A 3 -0.39 27.96 1.53
CA SER A 3 0.47 27.08 2.31
C SER A 3 0.55 27.52 3.79
N LEU A 4 0.44 26.54 4.68
CA LEU A 4 0.47 26.75 6.12
C LEU A 4 1.89 26.79 6.63
N GLN A 5 2.09 27.55 7.70
CA GLN A 5 3.35 27.45 8.41
C GLN A 5 3.31 26.25 9.37
N SER A 6 4.50 25.80 9.78
CA SER A 6 4.61 24.61 10.62
C SER A 6 3.78 24.72 11.87
N ASP A 7 3.71 25.92 12.47
CA ASP A 7 2.96 26.06 13.70
C ASP A 7 1.45 26.10 13.48
N GLN A 8 0.98 25.94 12.23
CA GLN A 8 -0.44 25.88 11.93
C GLN A 8 -0.88 24.49 11.53
N LEU A 9 0.07 23.58 11.31
CA LEU A 9 -0.27 22.32 10.70
C LEU A 9 -1.17 21.50 11.60
N LEU A 10 -0.98 21.59 12.92
CA LEU A 10 -1.83 20.80 13.81
C LEU A 10 -3.21 21.42 13.99
N GLU A 11 -3.39 22.72 13.74
CA GLU A 11 -4.75 23.22 13.72
C GLU A 11 -5.50 22.81 12.45
N ALA A 12 -4.84 22.15 11.51
CA ALA A 12 -5.48 21.87 10.24
C ALA A 12 -6.43 20.70 10.42
N THR A 13 -7.31 20.51 9.45
CA THR A 13 -8.20 19.35 9.44
C THR A 13 -7.81 18.33 8.38
N VAL A 14 -8.32 17.11 8.58
N VAL A 14 -8.32 17.12 8.52
CA VAL A 14 -8.15 16.02 7.62
CA VAL A 14 -7.95 16.11 7.52
C VAL A 14 -8.61 16.47 6.24
C VAL A 14 -8.63 16.40 6.17
N GLY A 15 -9.78 17.08 6.18
CA GLY A 15 -10.35 17.47 4.90
C GLY A 15 -9.48 18.41 4.10
N GLN A 16 -8.71 19.26 4.80
CA GLN A 16 -7.82 20.19 4.11
C GLN A 16 -6.67 19.49 3.41
N PHE A 17 -6.35 18.24 3.76
CA PHE A 17 -5.23 17.54 3.15
C PHE A 17 -5.59 16.23 2.48
N MET A 18 -6.87 15.82 2.51
CA MET A 18 -7.24 14.54 1.90
C MET A 18 -7.16 14.62 0.38
N ILE A 19 -7.05 13.44 -0.23
CA ILE A 19 -7.37 13.25 -1.64
C ILE A 19 -8.88 13.29 -1.79
N GLU A 20 -9.40 14.26 -2.52
N GLU A 20 -9.39 14.25 -2.55
CA GLU A 20 -10.86 14.42 -2.58
CA GLU A 20 -10.84 14.42 -2.69
C GLU A 20 -11.49 13.28 -3.39
C GLU A 20 -11.47 13.21 -3.38
N ALA A 21 -12.75 12.96 -3.04
CA ALA A 21 -13.44 11.79 -3.58
C ALA A 21 -13.45 11.73 -5.12
N ASP A 22 -13.51 12.87 -5.80
N ASP A 22 -13.51 12.89 -5.79
CA ASP A 22 -13.59 12.76 -7.25
CA ASP A 22 -13.54 12.91 -7.25
C ASP A 22 -12.27 12.38 -7.89
C ASP A 22 -12.31 12.22 -7.83
N LYS A 23 -11.21 12.21 -7.09
CA LYS A 23 -9.96 11.66 -7.58
C LYS A 23 -9.71 10.25 -7.05
N VAL A 24 -10.62 9.69 -6.26
CA VAL A 24 -10.43 8.40 -5.60
C VAL A 24 -11.12 7.31 -6.42
N ALA A 25 -10.37 6.28 -6.77
CA ALA A 25 -10.97 5.10 -7.38
C ALA A 25 -11.79 4.35 -6.33
N HIS A 26 -13.01 3.94 -6.70
CA HIS A 26 -13.82 3.15 -5.77
C HIS A 26 -14.77 2.26 -6.53
N VAL A 27 -15.38 1.31 -5.81
CA VAL A 27 -16.43 0.47 -6.37
C VAL A 27 -17.64 0.50 -5.42
N GLN A 28 -18.66 -0.25 -5.79
CA GLN A 28 -19.91 -0.31 -5.03
C GLN A 28 -20.10 -1.69 -4.42
N VAL A 29 -20.89 -1.71 -3.33
CA VAL A 29 -21.13 -2.95 -2.59
C VAL A 29 -21.71 -4.04 -3.50
N GLY A 30 -22.57 -3.67 -4.45
CA GLY A 30 -23.18 -4.67 -5.30
C GLY A 30 -22.46 -5.00 -6.59
N ASN A 31 -21.33 -4.34 -6.86
CA ASN A 31 -20.51 -4.74 -8.00
C ASN A 31 -19.94 -6.13 -7.74
N ASN A 32 -19.57 -6.83 -8.82
CA ASN A 32 -18.97 -8.14 -8.61
C ASN A 32 -17.45 -8.04 -8.53
N LEU A 33 -16.81 -9.16 -8.17
CA LEU A 33 -15.35 -9.11 -7.96
C LEU A 33 -14.58 -8.96 -9.25
N GLU A 34 -15.14 -9.41 -10.39
CA GLU A 34 -14.45 -9.19 -11.66
C GLU A 34 -14.32 -7.70 -11.93
N HIS A 35 -15.41 -6.96 -11.74
CA HIS A 35 -15.36 -5.51 -11.87
C HIS A 35 -14.36 -4.89 -10.89
N ALA A 36 -14.42 -5.29 -9.62
CA ALA A 36 -13.52 -4.70 -8.64
C ALA A 36 -12.06 -5.00 -8.97
N LEU A 37 -11.77 -6.22 -9.39
CA LEU A 37 -10.40 -6.57 -9.74
C LEU A 37 -9.91 -5.76 -10.94
N LEU A 38 -10.78 -5.54 -11.93
CA LEU A 38 -10.40 -4.73 -13.08
C LEU A 38 -10.11 -3.28 -12.67
N VAL A 39 -10.93 -2.71 -11.78
CA VAL A 39 -10.69 -1.34 -11.32
C VAL A 39 -9.37 -1.26 -10.55
N LEU A 40 -9.14 -2.20 -9.62
CA LEU A 40 -7.88 -2.25 -8.87
C LEU A 40 -6.70 -2.33 -9.84
N THR A 41 -6.79 -3.21 -10.83
CA THR A 41 -5.66 -3.43 -11.73
C THR A 41 -5.42 -2.22 -12.63
N LYS A 42 -6.49 -1.68 -13.24
CA LYS A 42 -6.31 -0.56 -14.14
C LYS A 42 -5.83 0.69 -13.40
N THR A 43 -6.38 0.96 -12.21
CA THR A 43 -5.97 2.17 -11.49
C THR A 43 -4.63 1.99 -10.81
N GLY A 44 -4.19 0.73 -10.63
CA GLY A 44 -2.91 0.43 -10.05
C GLY A 44 -2.85 0.38 -8.54
N TYR A 45 -3.99 0.37 -7.85
CA TYR A 45 -4.02 0.40 -6.40
C TYR A 45 -4.27 -0.98 -5.82
N THR A 46 -3.76 -1.21 -4.62
CA THR A 46 -3.93 -2.53 -4.00
C THR A 46 -5.20 -2.65 -3.17
N ALA A 47 -5.83 -1.53 -2.77
CA ALA A 47 -7.09 -1.54 -2.04
C ALA A 47 -7.76 -0.19 -2.24
N ILE A 48 -9.10 -0.20 -2.34
CA ILE A 48 -9.83 1.04 -2.62
C ILE A 48 -11.16 1.02 -1.84
N PRO A 49 -11.77 2.19 -1.66
CA PRO A 49 -13.04 2.23 -0.92
C PRO A 49 -14.20 1.59 -1.67
N VAL A 50 -15.20 1.20 -0.86
CA VAL A 50 -16.46 0.63 -1.33
C VAL A 50 -17.60 1.49 -0.83
N LEU A 51 -18.42 1.99 -1.76
CA LEU A 51 -19.59 2.82 -1.43
C LEU A 51 -20.86 2.08 -1.80
N ASP A 52 -22.00 2.63 -1.39
CA ASP A 52 -23.25 2.18 -1.96
C ASP A 52 -23.73 3.18 -3.01
N PRO A 53 -24.86 2.94 -3.70
CA PRO A 53 -25.31 3.90 -4.73
C PRO A 53 -25.64 5.28 -4.21
N SER A 54 -25.81 5.46 -2.89
CA SER A 54 -26.09 6.76 -2.30
C SER A 54 -24.82 7.45 -1.80
N TYR A 55 -23.66 6.92 -2.16
CA TYR A 55 -22.35 7.50 -1.86
C TYR A 55 -22.00 7.37 -0.39
N ARG A 56 -22.65 6.44 0.31
CA ARG A 56 -22.26 6.15 1.68
C ARG A 56 -21.09 5.18 1.70
N LEU A 57 -20.14 5.42 2.60
CA LEU A 57 -18.96 4.57 2.74
C LEU A 57 -19.28 3.29 3.53
N HIS A 58 -18.94 2.13 2.95
CA HIS A 58 -19.22 0.86 3.62
C HIS A 58 -18.01 0.00 3.95
N GLY A 59 -16.89 0.12 3.24
CA GLY A 59 -15.79 -0.79 3.49
C GLY A 59 -14.65 -0.54 2.51
N LEU A 60 -13.73 -1.51 2.46
CA LEU A 60 -12.58 -1.52 1.57
C LEU A 60 -12.51 -2.84 0.82
N ILE A 61 -12.02 -2.80 -0.41
CA ILE A 61 -11.80 -4.03 -1.16
C ILE A 61 -10.40 -3.97 -1.76
N GLY A 62 -9.69 -5.11 -1.70
CA GLY A 62 -8.34 -5.17 -2.22
C GLY A 62 -8.10 -6.45 -3.00
N THR A 63 -7.00 -6.42 -3.75
CA THR A 63 -6.63 -7.56 -4.56
C THR A 63 -6.45 -8.82 -3.72
N ASN A 64 -5.78 -8.69 -2.56
CA ASN A 64 -5.54 -9.87 -1.73
C ASN A 64 -6.86 -10.54 -1.32
N MET A 65 -7.87 -9.75 -0.95
CA MET A 65 -9.17 -10.31 -0.59
C MET A 65 -9.76 -11.07 -1.76
N ILE A 66 -9.68 -10.50 -2.95
CA ILE A 66 -10.25 -11.14 -4.12
C ILE A 66 -9.51 -12.44 -4.43
N MET A 67 -8.17 -12.43 -4.35
CA MET A 67 -7.43 -13.67 -4.62
C MET A 67 -7.79 -14.74 -3.63
N ASN A 68 -7.92 -14.39 -2.35
CA ASN A 68 -8.27 -15.40 -1.37
C ASN A 68 -9.66 -15.98 -1.60
N SER A 69 -10.51 -15.29 -2.36
N SER A 69 -10.51 -15.29 -2.36
CA SER A 69 -11.84 -15.81 -2.64
CA SER A 69 -11.85 -15.78 -2.66
C SER A 69 -11.87 -16.78 -3.82
C SER A 69 -11.91 -16.70 -3.87
N ILE A 70 -10.88 -16.73 -4.72
CA ILE A 70 -10.89 -17.56 -5.93
C ILE A 70 -9.73 -18.55 -6.02
N PHE A 71 -8.79 -18.54 -5.07
CA PHE A 71 -7.74 -19.55 -5.09
C PHE A 71 -8.36 -20.92 -4.77
N GLY A 72 -8.38 -21.82 -5.75
CA GLY A 72 -8.80 -23.18 -5.54
C GLY A 72 -7.64 -24.12 -5.32
N LEU A 73 -7.99 -25.36 -4.96
CA LEU A 73 -6.98 -26.37 -4.64
C LEU A 73 -6.02 -26.60 -5.80
N GLU A 74 -6.56 -26.65 -7.03
CA GLU A 74 -5.81 -27.05 -8.22
C GLU A 74 -5.67 -25.94 -9.25
N ARG A 75 -6.44 -24.86 -9.12
CA ARG A 75 -6.43 -23.80 -10.10
C ARG A 75 -7.07 -22.56 -9.50
N ILE A 76 -6.81 -21.44 -10.16
CA ILE A 76 -7.47 -20.20 -9.78
C ILE A 76 -8.85 -20.21 -10.44
N GLU A 77 -9.89 -20.13 -9.62
CA GLU A 77 -11.27 -20.31 -10.06
C GLU A 77 -11.85 -18.97 -10.50
N PHE A 78 -11.31 -18.45 -11.61
CA PHE A 78 -11.66 -17.10 -12.05
C PHE A 78 -13.12 -16.99 -12.46
N GLU A 79 -13.77 -18.12 -12.78
CA GLU A 79 -15.17 -18.09 -13.14
C GLU A 79 -16.05 -17.65 -11.98
N LYS A 80 -15.54 -17.69 -10.74
CA LYS A 80 -16.30 -17.18 -9.61
C LYS A 80 -16.27 -15.66 -9.49
N LEU A 81 -15.35 -14.98 -10.18
CA LEU A 81 -15.22 -13.52 -10.00
C LEU A 81 -16.55 -12.80 -10.26
N ASP A 82 -17.27 -13.14 -11.33
CA ASP A 82 -18.49 -12.38 -11.56
C ASP A 82 -19.70 -12.97 -10.85
N GLN A 83 -19.51 -13.99 -10.02
CA GLN A 83 -20.56 -14.60 -9.21
C GLN A 83 -20.59 -14.08 -7.78
N ILE A 84 -19.56 -13.38 -7.34
CA ILE A 84 -19.42 -12.92 -5.96
C ILE A 84 -19.47 -11.41 -5.97
N THR A 85 -20.22 -10.82 -5.02
CA THR A 85 -20.25 -9.37 -4.92
C THR A 85 -19.18 -8.84 -3.96
N VAL A 86 -18.83 -7.58 -4.18
CA VAL A 86 -17.88 -6.89 -3.30
C VAL A 86 -18.33 -6.98 -1.85
N GLU A 87 -19.63 -6.79 -1.58
CA GLU A 87 -20.15 -6.83 -0.22
C GLU A 87 -19.79 -8.13 0.51
N GLU A 88 -19.71 -9.25 -0.21
CA GLU A 88 -19.48 -10.55 0.42
C GLU A 88 -18.06 -10.73 0.92
N VAL A 89 -17.10 -9.96 0.39
CA VAL A 89 -15.72 -10.19 0.79
C VAL A 89 -15.01 -8.93 1.28
N MET A 90 -15.63 -7.76 1.16
CA MET A 90 -14.99 -6.51 1.58
C MET A 90 -14.74 -6.48 3.08
N LEU A 91 -13.76 -5.67 3.44
CA LEU A 91 -13.46 -5.37 4.84
C LEU A 91 -14.41 -4.28 5.31
N THR A 92 -15.19 -4.54 6.37
CA THR A 92 -16.05 -3.52 6.95
C THR A 92 -15.49 -2.94 8.24
N ASP A 93 -14.54 -3.63 8.86
CA ASP A 93 -13.88 -3.19 10.09
C ASP A 93 -12.77 -2.23 9.68
N ILE A 94 -13.15 -1.00 9.37
CA ILE A 94 -12.18 -0.03 8.85
C ILE A 94 -12.16 1.23 9.70
N PRO A 95 -11.00 1.88 9.83
CA PRO A 95 -10.99 3.19 10.48
C PRO A 95 -11.67 4.21 9.58
N ARG A 96 -12.17 5.26 10.21
CA ARG A 96 -12.81 6.33 9.48
C ARG A 96 -12.40 7.67 10.07
N LEU A 97 -12.20 8.65 9.21
CA LEU A 97 -11.98 10.03 9.63
C LEU A 97 -13.14 10.86 9.15
N HIS A 98 -13.49 11.88 9.94
CA HIS A 98 -14.43 12.89 9.48
C HIS A 98 -13.64 14.03 8.84
N ILE A 99 -14.25 14.71 7.85
CA ILE A 99 -13.52 15.78 7.17
C ILE A 99 -13.06 16.86 8.12
N ASN A 100 -13.77 17.06 9.23
CA ASN A 100 -13.42 18.10 10.18
C ASN A 100 -12.54 17.61 11.33
N ASP A 101 -12.10 16.35 11.29
CA ASP A 101 -11.22 15.83 12.33
C ASP A 101 -9.88 16.56 12.30
N PRO A 102 -9.27 16.80 13.46
N PRO A 102 -9.27 16.79 13.46
CA PRO A 102 -7.94 17.39 13.48
CA PRO A 102 -7.94 17.39 13.48
C PRO A 102 -6.95 16.50 12.76
C PRO A 102 -6.95 16.50 12.76
N ILE A 103 -6.02 17.13 12.05
CA ILE A 103 -5.05 16.37 11.27
C ILE A 103 -4.24 15.45 12.16
N MET A 104 -4.01 15.82 13.41
CA MET A 104 -3.24 14.93 14.28
C MET A 104 -3.92 13.58 14.43
N LYS A 105 -5.25 13.54 14.42
N LYS A 105 -5.25 13.54 14.42
CA LYS A 105 -5.95 12.26 14.45
CA LYS A 105 -5.94 12.25 14.46
C LYS A 105 -5.62 11.45 13.20
C LYS A 105 -5.62 11.45 13.20
N GLY A 106 -5.59 12.11 12.04
CA GLY A 106 -5.22 11.41 10.83
C GLY A 106 -3.80 10.91 10.84
N PHE A 107 -2.86 11.76 11.31
CA PHE A 107 -1.45 11.35 11.46
C PHE A 107 -1.34 10.05 12.27
N GLY A 108 -2.03 9.98 13.42
CA GLY A 108 -1.98 8.78 14.24
C GLY A 108 -2.51 7.55 13.54
N MET A 109 -3.63 7.71 12.80
CA MET A 109 -4.28 6.56 12.19
C MET A 109 -3.49 6.01 11.03
N VAL A 110 -2.66 6.82 10.35
CA VAL A 110 -1.90 6.23 9.24
C VAL A 110 -0.64 5.53 9.71
N ILE A 111 -0.35 5.52 11.02
CA ILE A 111 0.73 4.66 11.49
C ILE A 111 0.43 3.20 11.16
N ASN A 112 -0.80 2.77 11.41
CA ASN A 112 -1.16 1.39 11.22
C ASN A 112 -1.94 1.15 9.92
N ASN A 113 -2.25 2.19 9.15
CA ASN A 113 -3.10 2.07 7.96
C ASN A 113 -2.47 2.85 6.81
N GLY A 114 -2.33 2.19 5.65
CA GLY A 114 -1.76 2.87 4.50
C GLY A 114 -2.59 4.05 4.05
N PHE A 115 -3.92 3.95 4.19
CA PHE A 115 -4.80 5.10 4.00
C PHE A 115 -6.01 4.92 4.89
N VAL A 116 -6.68 6.02 5.15
CA VAL A 116 -7.92 6.02 5.93
C VAL A 116 -8.99 6.77 5.15
N CYS A 117 -10.19 6.19 5.06
CA CYS A 117 -11.28 6.87 4.37
C CYS A 117 -11.79 8.05 5.19
N VAL A 118 -12.23 9.08 4.48
CA VAL A 118 -12.75 10.31 5.06
C VAL A 118 -14.21 10.45 4.64
N GLU A 119 -15.07 10.81 5.59
CA GLU A 119 -16.49 10.94 5.34
C GLU A 119 -16.97 12.27 5.90
N ASN A 120 -18.12 12.70 5.36
CA ASN A 120 -18.86 13.82 5.90
C ASN A 120 -19.80 13.28 6.98
N ASP A 121 -20.76 14.10 7.38
CA ASP A 121 -21.87 13.58 8.18
C ASP A 121 -22.55 12.45 7.43
N GLU A 122 -23.25 11.60 8.22
CA GLU A 122 -24.07 10.50 7.70
C GLU A 122 -23.25 9.53 6.86
N GLN A 123 -21.94 9.43 7.13
CA GLN A 123 -21.06 8.50 6.45
C GLN A 123 -21.01 8.70 4.94
N VAL A 124 -21.25 9.92 4.46
CA VAL A 124 -21.13 10.19 3.03
C VAL A 124 -19.66 10.32 2.69
N PHE A 125 -19.22 9.58 1.67
CA PHE A 125 -17.79 9.53 1.36
C PHE A 125 -17.26 10.85 0.84
N GLU A 126 -16.10 11.27 1.37
CA GLU A 126 -15.51 12.54 0.97
C GLU A 126 -14.12 12.44 0.39
N GLY A 127 -13.36 11.38 0.69
CA GLY A 127 -12.00 11.29 0.19
C GLY A 127 -11.21 10.27 0.99
N ILE A 128 -9.90 10.26 0.78
CA ILE A 128 -9.01 9.39 1.54
C ILE A 128 -7.83 10.20 2.05
N PHE A 129 -7.28 9.75 3.16
CA PHE A 129 -6.19 10.42 3.84
C PHE A 129 -5.04 9.42 3.79
N THR A 130 -4.01 9.72 3.01
CA THR A 130 -2.99 8.75 2.68
C THR A 130 -1.69 9.02 3.43
N ARG A 131 -0.89 7.96 3.56
CA ARG A 131 0.45 8.13 4.11
C ARG A 131 1.31 9.06 3.27
N ARG A 132 1.22 8.99 1.94
CA ARG A 132 2.05 9.85 1.11
C ARG A 132 1.80 11.32 1.42
N VAL A 133 0.54 11.71 1.57
CA VAL A 133 0.26 13.12 1.87
C VAL A 133 0.87 13.52 3.21
N VAL A 134 0.74 12.67 4.23
CA VAL A 134 1.33 12.94 5.54
C VAL A 134 2.85 13.07 5.43
N LEU A 135 3.49 12.11 4.76
CA LEU A 135 4.94 12.10 4.69
C LEU A 135 5.46 13.29 3.89
N LYS A 136 4.80 13.62 2.78
CA LYS A 136 5.20 14.78 1.98
C LYS A 136 5.16 16.05 2.82
N GLU A 137 4.08 16.24 3.58
N GLU A 137 4.06 16.26 3.56
CA GLU A 137 3.93 17.46 4.36
CA GLU A 137 3.94 17.46 4.38
C GLU A 137 4.88 17.49 5.55
C GLU A 137 4.95 17.47 5.51
N LEU A 138 5.08 16.35 6.22
CA LEU A 138 5.99 16.33 7.35
C LEU A 138 7.43 16.48 6.90
N ASN A 139 7.79 15.93 5.74
CA ASN A 139 9.15 16.11 5.22
C ASN A 139 9.44 17.59 4.96
N LYS A 140 8.47 18.31 4.40
CA LYS A 140 8.62 19.73 4.16
C LYS A 140 8.93 20.46 5.46
N HIS A 141 8.17 20.15 6.50
CA HIS A 141 8.31 20.96 7.71
C HIS A 141 9.53 20.58 8.52
N ILE A 142 9.99 19.33 8.44
CA ILE A 142 11.23 18.97 9.12
C ILE A 142 12.43 19.59 8.41
N ARG A 143 12.42 19.60 7.07
CA ARG A 143 13.53 20.19 6.32
C ARG A 143 13.59 21.71 6.50
N SER A 144 12.49 22.36 6.87
CA SER A 144 12.55 23.78 7.17
C SER A 144 13.03 24.04 8.59
N LEU A 145 12.55 23.25 9.56
CA LEU A 145 12.87 23.43 10.97
C LEU A 145 14.33 23.08 11.23
N LEU B 10 16.85 13.82 13.28
CA LEU B 10 17.54 13.00 14.28
C LEU B 10 18.95 12.63 13.80
N GLU B 11 19.81 12.21 14.72
CA GLU B 11 21.13 11.69 14.38
C GLU B 11 21.14 10.18 14.12
N ALA B 12 19.97 9.55 14.03
CA ALA B 12 19.96 8.11 13.89
C ALA B 12 20.12 7.69 12.43
N THR B 13 20.32 6.38 12.24
CA THR B 13 20.55 5.82 10.91
C THR B 13 19.39 4.92 10.52
N VAL B 14 19.31 4.67 9.22
CA VAL B 14 18.29 3.77 8.67
C VAL B 14 18.38 2.40 9.35
N GLY B 15 19.60 1.88 9.51
CA GLY B 15 19.76 0.55 10.05
C GLY B 15 19.22 0.40 11.45
N GLN B 16 19.18 1.49 12.22
CA GLN B 16 18.68 1.42 13.58
C GLN B 16 17.17 1.26 13.64
N PHE B 17 16.47 1.56 12.54
CA PHE B 17 15.02 1.52 12.53
C PHE B 17 14.44 0.54 11.51
N MET B 18 15.26 -0.06 10.67
CA MET B 18 14.71 -0.97 9.67
C MET B 18 14.12 -2.23 10.30
N ILE B 19 13.20 -2.82 9.54
CA ILE B 19 12.73 -4.18 9.78
C ILE B 19 13.80 -5.13 9.29
N GLU B 20 14.34 -5.96 10.18
CA GLU B 20 15.46 -6.82 9.82
C GLU B 20 15.04 -7.89 8.81
N ALA B 21 16.01 -8.28 7.98
CA ALA B 21 15.74 -9.17 6.84
C ALA B 21 15.09 -10.49 7.26
N ASP B 22 15.39 -10.98 8.47
CA ASP B 22 14.82 -12.24 8.94
C ASP B 22 13.29 -12.18 9.08
N LYS B 23 12.71 -10.99 9.21
CA LYS B 23 11.27 -10.79 9.31
C LYS B 23 10.62 -10.54 7.96
N VAL B 24 11.40 -10.47 6.90
CA VAL B 24 10.93 -9.95 5.62
C VAL B 24 10.54 -11.11 4.70
N ALA B 25 9.30 -11.06 4.23
CA ALA B 25 8.84 -11.99 3.20
C ALA B 25 9.50 -11.61 1.87
N HIS B 26 9.85 -12.60 1.07
CA HIS B 26 10.45 -12.30 -0.22
C HIS B 26 10.16 -13.45 -1.17
N VAL B 27 10.49 -13.24 -2.43
N VAL B 27 10.48 -13.25 -2.43
CA VAL B 27 10.46 -14.27 -3.45
CA VAL B 27 10.45 -14.34 -3.40
C VAL B 27 11.87 -14.50 -3.97
C VAL B 27 11.86 -14.51 -3.94
N GLN B 28 12.23 -15.77 -4.14
CA GLN B 28 13.52 -16.11 -4.67
C GLN B 28 13.50 -16.01 -6.19
N VAL B 29 14.62 -15.54 -6.72
CA VAL B 29 14.82 -15.56 -8.16
C VAL B 29 14.65 -16.97 -8.71
N GLY B 30 14.31 -17.04 -9.98
CA GLY B 30 14.12 -18.31 -10.64
C GLY B 30 12.74 -18.89 -10.47
N ASN B 31 11.78 -18.12 -9.98
CA ASN B 31 10.43 -18.60 -9.79
C ASN B 31 9.49 -17.92 -10.77
N ASN B 32 8.31 -18.50 -10.94
CA ASN B 32 7.33 -17.92 -11.85
C ASN B 32 6.30 -17.12 -11.06
N LEU B 33 5.41 -16.48 -11.81
CA LEU B 33 4.45 -15.58 -11.17
C LEU B 33 3.39 -16.35 -10.41
N GLU B 34 3.14 -17.62 -10.75
CA GLU B 34 2.21 -18.40 -9.94
C GLU B 34 2.72 -18.50 -8.52
N HIS B 35 4.00 -18.84 -8.37
CA HIS B 35 4.59 -18.91 -7.04
C HIS B 35 4.58 -17.53 -6.36
N ALA B 36 5.00 -16.50 -7.08
CA ALA B 36 5.04 -15.17 -6.47
C ALA B 36 3.66 -14.74 -6.00
N LEU B 37 2.63 -14.97 -6.81
CA LEU B 37 1.28 -14.58 -6.41
C LEU B 37 0.80 -15.39 -5.22
N LEU B 38 1.18 -16.68 -5.16
CA LEU B 38 0.84 -17.49 -4.00
C LEU B 38 1.47 -16.92 -2.72
N VAL B 39 2.76 -16.56 -2.76
CA VAL B 39 3.43 -16.01 -1.57
C VAL B 39 2.79 -14.69 -1.16
N LEU B 40 2.55 -13.78 -2.12
CA LEU B 40 1.90 -12.52 -1.79
C LEU B 40 0.52 -12.75 -1.17
N THR B 41 -0.24 -13.71 -1.74
CA THR B 41 -1.60 -13.95 -1.27
C THR B 41 -1.61 -14.54 0.14
N LYS B 42 -0.74 -15.54 0.39
CA LYS B 42 -0.70 -16.18 1.71
C LYS B 42 -0.18 -15.23 2.78
N THR B 43 0.86 -14.44 2.46
CA THR B 43 1.44 -13.56 3.47
C THR B 43 0.59 -12.32 3.70
N GLY B 44 -0.16 -11.90 2.68
CA GLY B 44 -0.95 -10.70 2.76
C GLY B 44 -0.22 -9.44 2.29
N TYR B 45 1.09 -9.51 2.05
CA TYR B 45 1.81 -8.33 1.61
C TYR B 45 1.49 -8.02 0.16
N THR B 46 1.51 -6.72 -0.17
CA THR B 46 1.15 -6.37 -1.53
C THR B 46 2.34 -6.22 -2.45
N ALA B 47 3.55 -6.10 -1.89
CA ALA B 47 4.78 -6.03 -2.67
C ALA B 47 5.92 -6.43 -1.75
N ILE B 48 6.85 -7.23 -2.27
CA ILE B 48 7.95 -7.75 -1.44
C ILE B 48 9.22 -7.83 -2.24
N PRO B 49 10.38 -7.92 -1.59
CA PRO B 49 11.64 -8.01 -2.34
C PRO B 49 11.79 -9.31 -3.11
N VAL B 50 12.56 -9.25 -4.18
CA VAL B 50 13.04 -10.42 -4.91
C VAL B 50 14.53 -10.57 -4.60
N LEU B 51 14.91 -11.71 -4.03
CA LEU B 51 16.28 -12.01 -3.61
C LEU B 51 16.78 -13.26 -4.33
N ASP B 52 18.10 -13.41 -4.37
CA ASP B 52 18.75 -14.65 -4.74
C ASP B 52 19.22 -15.39 -3.49
N PRO B 53 19.73 -16.62 -3.61
CA PRO B 53 20.05 -17.38 -2.39
C PRO B 53 21.19 -16.77 -1.57
N SER B 54 22.04 -15.94 -2.17
CA SER B 54 23.02 -15.22 -1.39
C SER B 54 22.44 -13.94 -0.78
N TYR B 55 21.12 -13.76 -0.86
CA TYR B 55 20.39 -12.63 -0.31
C TYR B 55 20.83 -11.31 -0.94
N ARG B 56 21.17 -11.31 -2.21
CA ARG B 56 21.27 -10.05 -2.93
C ARG B 56 19.93 -9.69 -3.57
N LEU B 57 19.68 -8.39 -3.62
CA LEU B 57 18.40 -7.82 -4.02
C LEU B 57 18.38 -7.59 -5.53
N HIS B 58 17.35 -8.11 -6.19
CA HIS B 58 17.19 -7.97 -7.64
C HIS B 58 16.02 -7.07 -8.05
N GLY B 59 15.02 -6.88 -7.19
CA GLY B 59 13.86 -6.11 -7.58
C GLY B 59 12.78 -6.26 -6.53
N LEU B 60 11.61 -5.73 -6.85
CA LEU B 60 10.40 -5.90 -6.03
C LEU B 60 9.32 -6.54 -6.87
N ILE B 61 8.51 -7.38 -6.25
CA ILE B 61 7.40 -8.01 -6.96
C ILE B 61 6.13 -7.77 -6.16
N GLY B 62 5.03 -7.41 -6.82
CA GLY B 62 3.79 -7.16 -6.10
C GLY B 62 2.57 -7.55 -6.90
N THR B 63 1.43 -7.55 -6.22
CA THR B 63 0.20 -8.00 -6.88
C THR B 63 -0.20 -7.07 -8.02
N ASN B 64 -0.01 -5.74 -7.89
CA ASN B 64 -0.39 -4.85 -8.99
C ASN B 64 0.41 -5.16 -10.24
N MET B 65 1.72 -5.35 -10.10
CA MET B 65 2.48 -5.63 -11.31
C MET B 65 2.10 -6.99 -11.88
N ILE B 66 1.80 -7.97 -11.01
CA ILE B 66 1.41 -9.28 -11.52
C ILE B 66 0.09 -9.21 -12.28
N MET B 67 -0.93 -8.57 -11.68
CA MET B 67 -2.21 -8.47 -12.37
C MET B 67 -2.07 -7.73 -13.69
N ASN B 68 -1.28 -6.66 -13.73
CA ASN B 68 -1.13 -5.95 -14.98
C ASN B 68 -0.35 -6.76 -16.02
N SER B 69 0.52 -7.67 -15.58
CA SER B 69 1.30 -8.45 -16.53
C SER B 69 0.46 -9.51 -17.23
N ILE B 70 -0.72 -9.85 -16.70
CA ILE B 70 -1.60 -10.82 -17.34
C ILE B 70 -2.94 -10.19 -17.70
N PHE B 71 -2.99 -8.87 -17.77
CA PHE B 71 -4.21 -8.14 -18.12
C PHE B 71 -4.37 -8.25 -19.62
N GLY B 72 -5.32 -9.08 -20.06
CA GLY B 72 -5.54 -9.32 -21.47
C GLY B 72 -6.45 -8.28 -22.08
N LEU B 73 -7.18 -8.68 -23.10
CA LEU B 73 -8.07 -7.72 -23.75
C LEU B 73 -9.22 -7.36 -22.83
N GLU B 74 -9.95 -8.36 -22.32
CA GLU B 74 -11.10 -8.12 -21.47
C GLU B 74 -11.04 -8.82 -20.11
N ARG B 75 -10.00 -9.57 -19.81
CA ARG B 75 -9.97 -10.30 -18.55
C ARG B 75 -8.54 -10.51 -18.08
N ILE B 76 -8.42 -10.76 -16.78
N ILE B 76 -8.42 -10.75 -16.78
CA ILE B 76 -7.14 -11.13 -16.19
CA ILE B 76 -7.15 -11.14 -16.17
C ILE B 76 -6.88 -12.60 -16.49
C ILE B 76 -6.90 -12.60 -16.52
N GLU B 77 -5.74 -12.89 -17.11
CA GLU B 77 -5.49 -14.21 -17.71
C GLU B 77 -4.63 -15.07 -16.77
N PHE B 78 -5.28 -15.53 -15.70
CA PHE B 78 -4.59 -16.26 -14.62
C PHE B 78 -3.86 -17.49 -15.12
N GLU B 79 -4.37 -18.13 -16.16
CA GLU B 79 -3.77 -19.38 -16.61
C GLU B 79 -2.36 -19.18 -17.15
N LYS B 80 -1.96 -17.95 -17.44
CA LYS B 80 -0.63 -17.65 -17.95
C LYS B 80 0.43 -17.48 -16.87
N LEU B 81 0.04 -17.47 -15.60
CA LEU B 81 0.99 -17.10 -14.53
C LEU B 81 2.20 -18.02 -14.49
N ASP B 82 2.03 -19.32 -14.77
CA ASP B 82 3.19 -20.21 -14.67
C ASP B 82 4.11 -20.12 -15.87
N GLN B 83 3.77 -19.32 -16.88
CA GLN B 83 4.60 -19.07 -18.07
C GLN B 83 5.46 -17.82 -17.95
N ILE B 84 5.34 -17.06 -16.87
CA ILE B 84 5.98 -15.77 -16.74
C ILE B 84 6.90 -15.81 -15.54
N THR B 85 8.15 -15.37 -15.72
CA THR B 85 9.10 -15.38 -14.62
C THR B 85 8.95 -14.12 -13.76
N VAL B 86 9.31 -14.24 -12.48
CA VAL B 86 9.38 -13.05 -11.63
C VAL B 86 10.30 -12.02 -12.25
N GLU B 87 11.40 -12.48 -12.87
CA GLU B 87 12.40 -11.54 -13.36
C GLU B 87 11.86 -10.65 -14.47
N GLU B 88 10.97 -11.17 -15.31
CA GLU B 88 10.37 -10.42 -16.42
C GLU B 88 9.44 -9.31 -15.97
N VAL B 89 8.94 -9.40 -14.73
CA VAL B 89 7.88 -8.50 -14.28
C VAL B 89 8.32 -7.63 -13.11
N MET B 90 9.33 -8.04 -12.35
CA MET B 90 9.70 -7.31 -11.15
C MET B 90 10.18 -5.91 -11.47
N LEU B 91 9.93 -4.99 -10.54
CA LEU B 91 10.41 -3.62 -10.63
C LEU B 91 11.89 -3.60 -10.24
N THR B 92 12.76 -3.12 -11.14
CA THR B 92 14.18 -3.08 -10.83
C THR B 92 14.75 -1.69 -10.60
N ASP B 93 14.06 -0.65 -11.04
CA ASP B 93 14.51 0.72 -10.83
C ASP B 93 13.95 1.14 -9.48
N ILE B 94 14.67 0.77 -8.41
CA ILE B 94 14.20 1.01 -7.05
C ILE B 94 15.26 1.72 -6.22
N PRO B 95 14.88 2.55 -5.26
CA PRO B 95 15.86 3.12 -4.36
C PRO B 95 16.45 2.06 -3.44
N ARG B 96 17.66 2.33 -2.99
CA ARG B 96 18.33 1.49 -2.02
C ARG B 96 18.94 2.36 -0.95
N LEU B 97 18.93 1.84 0.27
CA LEU B 97 19.56 2.48 1.40
C LEU B 97 20.69 1.59 1.90
N HIS B 98 21.65 2.22 2.56
CA HIS B 98 22.69 1.53 3.28
C HIS B 98 22.35 1.62 4.76
N ILE B 99 22.81 0.63 5.53
CA ILE B 99 22.45 0.59 6.95
C ILE B 99 22.91 1.85 7.69
N ASN B 100 23.95 2.55 7.23
CA ASN B 100 24.42 3.75 7.94
C ASN B 100 23.94 5.05 7.31
N ASP B 101 23.02 5.01 6.37
CA ASP B 101 22.49 6.26 5.83
C ASP B 101 21.73 7.02 6.90
N PRO B 102 21.82 8.34 6.90
CA PRO B 102 21.04 9.13 7.86
C PRO B 102 19.56 8.85 7.67
N ILE B 103 18.84 8.84 8.80
CA ILE B 103 17.43 8.51 8.73
C ILE B 103 16.67 9.49 7.83
N MET B 104 17.10 10.76 7.74
CA MET B 104 16.38 11.69 6.87
C MET B 104 16.43 11.26 5.41
N LYS B 105 17.48 10.57 4.99
CA LYS B 105 17.51 10.06 3.63
C LYS B 105 16.41 9.03 3.43
N GLY B 106 16.22 8.13 4.40
CA GLY B 106 15.14 7.16 4.28
C GLY B 106 13.78 7.81 4.34
N PHE B 107 13.64 8.85 5.18
CA PHE B 107 12.37 9.59 5.26
C PHE B 107 12.01 10.16 3.90
N GLY B 108 12.96 10.74 3.19
CA GLY B 108 12.64 11.27 1.88
C GLY B 108 12.27 10.18 0.91
N MET B 109 12.94 9.03 1.00
CA MET B 109 12.65 7.96 0.04
C MET B 109 11.30 7.28 0.27
N VAL B 110 10.71 7.34 1.47
CA VAL B 110 9.41 6.71 1.62
C VAL B 110 8.26 7.64 1.25
N ILE B 111 8.52 8.89 0.84
CA ILE B 111 7.41 9.70 0.32
C ILE B 111 6.75 9.00 -0.86
N ASN B 112 7.54 8.46 -1.77
CA ASN B 112 7.03 7.82 -2.97
C ASN B 112 7.06 6.30 -2.95
N ASN B 113 7.50 5.68 -1.84
CA ASN B 113 7.69 4.22 -1.76
C ASN B 113 7.21 3.73 -0.40
N GLY B 114 6.34 2.71 -0.41
CA GLY B 114 5.87 2.15 0.85
C GLY B 114 6.97 1.56 1.70
N PHE B 115 8.03 1.05 1.06
CA PHE B 115 9.21 0.60 1.78
C PHE B 115 10.41 0.71 0.85
N VAL B 116 11.60 0.75 1.45
CA VAL B 116 12.85 0.85 0.72
C VAL B 116 13.80 -0.19 1.29
N CYS B 117 14.45 -0.95 0.42
CA CYS B 117 15.35 -2.01 0.86
C CYS B 117 16.67 -1.44 1.35
N VAL B 118 17.24 -2.12 2.35
CA VAL B 118 18.50 -1.75 2.99
C VAL B 118 19.51 -2.86 2.72
N GLU B 119 20.73 -2.46 2.32
CA GLU B 119 21.84 -3.37 2.07
C GLU B 119 23.04 -3.02 2.94
N ASN B 120 23.93 -3.99 3.12
CA ASN B 120 25.13 -3.81 3.90
C ASN B 120 26.30 -3.47 2.99
N ASP B 121 27.52 -3.55 3.56
CA ASP B 121 28.74 -3.19 2.85
C ASP B 121 28.92 -4.03 1.59
N GLU B 122 28.50 -5.30 1.64
CA GLU B 122 28.66 -6.25 0.56
C GLU B 122 27.45 -6.28 -0.37
N GLN B 123 26.53 -5.33 -0.24
CA GLN B 123 25.33 -5.25 -1.07
C GLN B 123 24.41 -6.44 -0.85
N VAL B 124 24.53 -7.04 0.29
CA VAL B 124 23.63 -8.10 0.70
C VAL B 124 22.44 -7.43 1.38
N PHE B 125 21.24 -7.97 1.13
CA PHE B 125 20.01 -7.43 1.68
C PHE B 125 20.00 -7.58 3.20
N GLU B 126 19.71 -6.50 3.90
CA GLU B 126 19.70 -6.54 5.36
C GLU B 126 18.36 -6.23 5.99
N GLY B 127 17.40 -5.70 5.24
CA GLY B 127 16.15 -5.32 5.86
C GLY B 127 15.42 -4.34 4.98
N ILE B 128 14.24 -3.93 5.44
CA ILE B 128 13.46 -2.90 4.75
C ILE B 128 13.15 -1.76 5.71
N PHE B 129 13.11 -0.56 5.14
CA PHE B 129 12.80 0.67 5.84
C PHE B 129 11.37 1.04 5.42
N THR B 130 10.42 0.89 6.34
CA THR B 130 9.01 0.99 5.99
C THR B 130 8.43 2.33 6.42
N ARG B 131 7.32 2.70 5.76
CA ARG B 131 6.60 3.88 6.18
C ARG B 131 6.11 3.78 7.62
N ARG B 132 5.69 2.59 8.07
CA ARG B 132 5.18 2.49 9.42
C ARG B 132 6.24 2.88 10.45
N VAL B 133 7.47 2.37 10.29
N VAL B 133 7.48 2.41 10.27
CA VAL B 133 8.50 2.71 11.25
CA VAL B 133 8.49 2.72 11.29
C VAL B 133 8.75 4.22 11.25
C VAL B 133 8.88 4.19 11.24
N VAL B 134 8.79 4.82 10.07
CA VAL B 134 8.99 6.28 9.97
C VAL B 134 7.86 7.03 10.67
N LEU B 135 6.62 6.66 10.36
CA LEU B 135 5.48 7.36 10.94
C LEU B 135 5.41 7.18 12.44
N LYS B 136 5.82 6.01 12.94
CA LYS B 136 5.82 5.77 14.37
C LYS B 136 6.82 6.69 15.06
N GLU B 137 8.01 6.84 14.49
CA GLU B 137 9.00 7.72 15.10
C GLU B 137 8.61 9.18 14.96
N LEU B 138 8.10 9.57 13.78
CA LEU B 138 7.72 10.97 13.59
C LEU B 138 6.61 11.35 14.55
N ASN B 139 5.64 10.47 14.76
CA ASN B 139 4.54 10.78 15.67
C ASN B 139 5.06 10.99 17.09
N LYS B 140 6.00 10.16 17.52
CA LYS B 140 6.59 10.30 18.84
C LYS B 140 7.35 11.61 18.95
N HIS B 141 8.15 11.93 17.92
CA HIS B 141 8.89 13.18 17.91
C HIS B 141 7.96 14.38 17.82
N ILE B 142 6.91 14.29 17.01
CA ILE B 142 5.93 15.37 16.92
C ILE B 142 5.26 15.58 18.27
N ARG B 143 4.78 14.50 18.89
CA ARG B 143 3.97 14.61 20.10
C ARG B 143 4.79 15.06 21.30
N SER B 144 6.11 14.97 21.23
CA SER B 144 6.95 15.38 22.36
C SER B 144 7.13 16.90 22.37
#